data_1M0Q
#
_entry.id   1M0Q
#
_cell.length_a   150.810
_cell.length_b   150.810
_cell.length_c   85.050
_cell.angle_alpha   90.00
_cell.angle_beta   90.00
_cell.angle_gamma   120.00
#
_symmetry.space_group_name_H-M   'P 64 2 2'
#
loop_
_entity.id
_entity.type
_entity.pdbx_description
1 polymer '2,2-Dialkylglycine Decarboxylase'
2 non-polymer 'POTASSIUM ION'
3 non-polymer 'SODIUM ION'
4 non-polymer '(1S)-1-[((1E)-{3-HYDROXY-2-METHYL-5-[(PHOSPHONOOXY)METHYL]PYRIDIN-4-YL}METHYLENE)AMINO]ETHYLPHOSPHONIC ACID'
5 water water
#
_entity_poly.entity_id   1
_entity_poly.type   'polypeptide(L)'
_entity_poly.pdbx_seq_one_letter_code
;MSLNDDATFWRNARHHLVRYGGTFEPMIIERAKGSFVYDADGRAILDFTSGQMSAVLGHCHPEIVSVIGEYAGKLDHLFS
EMLSRPVVDLATRLANITPPGLDRALLLSTGAESNEAAIRMAKLVTGKYEIVGFAQSWHGMTGAAASATYSAGRKGVGPA
AVGSFAIPAPFTYRPRFERNGAYDYLAELDYAFDLIDRQSSGNLAAFIAEPILSSGGIIELPDGYMAALKRKCEARGMLL
ILDEAQTGVGRTGTMFACQRDGVTPDILTLSKTLGAGLPLAAIVTSAAIEERAHELGYLFYTTHVSDPLPAAVGLRVLDV
VQRDGLVARANVMGDRLRRGLLDLMERFDCIGDVRGRGLLLGVEIVKDRRTKEPADGLGAKITRECMNLGLSMNIVQLPG
MGGVFRIAPPLTVSEDEIDLGLSLLGQAIERAL
;
_entity_poly.pdbx_strand_id   A
#
# COMPACT_ATOMS: atom_id res chain seq x y z
N LEU A 3 30.33 3.81 14.17
CA LEU A 3 29.60 2.66 14.43
C LEU A 3 28.16 2.73 14.80
N ASN A 4 27.50 1.70 14.40
CA ASN A 4 26.19 1.51 14.74
C ASN A 4 26.01 1.27 16.22
N ASP A 5 27.11 0.99 16.95
CA ASP A 5 27.03 0.66 18.44
C ASP A 5 26.96 1.75 19.45
N ASP A 6 26.76 3.00 18.97
CA ASP A 6 26.68 4.16 19.84
C ASP A 6 25.84 3.83 21.07
N ALA A 7 26.56 3.67 22.19
CA ALA A 7 25.96 3.27 23.45
C ALA A 7 24.88 4.18 23.91
N THR A 8 25.18 5.41 23.79
CA THR A 8 24.25 6.44 24.16
C THR A 8 23.01 6.40 23.26
N PHE A 9 23.25 6.25 21.96
CA PHE A 9 22.14 6.18 21.07
C PHE A 9 21.22 5.05 21.52
N TRP A 10 21.76 3.87 21.61
CA TRP A 10 20.87 2.82 22.00
C TRP A 10 20.31 2.96 23.42
N ARG A 11 21.05 3.68 24.25
CA ARG A 11 20.60 3.83 25.61
C ARG A 11 19.32 4.68 25.58
N ASN A 12 19.46 5.78 24.90
CA ASN A 12 18.31 6.68 24.82
C ASN A 12 17.18 6.02 24.04
N ALA A 13 17.59 5.26 23.04
CA ALA A 13 16.60 4.54 22.28
C ALA A 13 15.83 3.66 23.23
N ARG A 14 16.55 2.90 24.07
CA ARG A 14 15.83 1.99 24.99
C ARG A 14 14.99 2.71 26.11
N HIS A 15 15.52 3.81 26.58
CA HIS A 15 14.79 4.50 27.62
C HIS A 15 13.60 5.30 27.15
N HIS A 16 13.63 5.75 25.92
CA HIS A 16 12.60 6.72 25.51
C HIS A 16 11.67 6.51 24.30
N LEU A 17 11.72 5.32 23.67
CA LEU A 17 10.88 5.03 22.51
C LEU A 17 9.84 4.08 22.92
N VAL A 18 8.64 4.37 22.47
CA VAL A 18 7.56 3.46 22.63
C VAL A 18 7.78 2.49 21.48
N ARG A 19 7.50 1.23 21.75
CA ARG A 19 7.63 0.15 20.77
C ARG A 19 6.21 0.00 20.16
N TYR A 20 6.14 -0.08 18.83
CA TYR A 20 4.81 -0.05 18.20
C TYR A 20 4.65 -1.08 17.18
N GLY A 21 5.48 -2.12 17.29
CA GLY A 21 5.38 -3.25 16.39
C GLY A 21 6.71 -3.67 15.72
N GLY A 22 6.86 -4.95 15.52
CA GLY A 22 8.08 -5.44 14.94
C GLY A 22 9.26 -5.20 15.90
N THR A 23 10.42 -5.16 15.32
CA THR A 23 11.60 -5.05 16.06
C THR A 23 12.44 -4.01 15.34
N PHE A 24 13.13 -3.17 16.11
CA PHE A 24 14.00 -2.15 15.53
C PHE A 24 15.28 -2.75 14.89
N GLU A 25 15.59 -2.31 13.70
CA GLU A 25 16.78 -2.78 13.11
C GLU A 25 18.06 -2.28 13.83
N PRO A 26 19.00 -3.16 13.99
CA PRO A 26 20.19 -2.87 14.74
C PRO A 26 21.09 -1.88 14.12
N MET A 27 20.64 -0.93 13.37
CA MET A 27 21.65 -0.02 12.87
C MET A 27 21.26 1.41 13.07
N ILE A 28 22.18 2.32 12.80
CA ILE A 28 21.86 3.76 12.90
C ILE A 28 21.92 4.40 11.48
N ILE A 29 20.72 4.74 10.95
CA ILE A 29 20.65 5.33 9.57
C ILE A 29 20.99 6.82 9.61
N GLU A 30 22.06 7.17 8.90
CA GLU A 30 22.51 8.53 8.94
C GLU A 30 22.26 9.35 7.68
N ARG A 31 22.06 8.63 6.59
CA ARG A 31 21.81 9.31 5.32
C ARG A 31 21.08 8.40 4.41
N ALA A 32 20.52 8.99 3.35
CA ALA A 32 19.77 8.18 2.37
C ALA A 32 19.87 8.88 1.00
N LYS A 33 20.01 8.14 -0.08
CA LYS A 33 20.08 8.83 -1.37
C LYS A 33 19.70 7.91 -2.47
N GLY A 34 18.73 8.27 -3.32
CA GLY A 34 18.35 7.34 -4.43
C GLY A 34 17.89 6.02 -3.84
N SER A 35 18.33 4.89 -4.40
CA SER A 35 17.90 3.56 -3.86
C SER A 35 18.58 3.02 -2.56
N PHE A 36 19.33 3.90 -1.87
CA PHE A 36 20.08 3.50 -0.67
C PHE A 36 19.95 4.40 0.53
N VAL A 37 20.23 3.76 1.65
CA VAL A 37 20.34 4.42 2.90
C VAL A 37 21.70 3.94 3.39
N TYR A 38 22.23 4.69 4.33
CA TYR A 38 23.54 4.44 4.80
C TYR A 38 23.56 4.42 6.25
N ASP A 39 24.24 3.41 6.81
CA ASP A 39 24.32 3.36 8.28
C ASP A 39 25.41 4.26 8.83
N ALA A 40 25.67 4.12 10.11
CA ALA A 40 26.65 4.98 10.76
C ALA A 40 28.08 4.64 10.34
N ASP A 41 28.28 3.47 9.76
CA ASP A 41 29.63 3.21 9.30
C ASP A 41 29.71 3.67 7.92
N GLY A 42 28.60 4.05 7.34
CA GLY A 42 28.67 4.55 5.97
C GLY A 42 28.35 3.49 4.98
N ARG A 43 27.92 2.33 5.50
CA ARG A 43 27.59 1.22 4.61
C ARG A 43 26.24 1.53 3.93
N ALA A 44 26.23 1.31 2.64
CA ALA A 44 25.07 1.58 1.82
C ALA A 44 24.15 0.37 1.75
N ILE A 45 22.92 0.61 2.13
CA ILE A 45 22.01 -0.45 2.11
C ILE A 45 21.00 -0.19 0.99
N LEU A 46 20.82 -1.21 0.20
CA LEU A 46 19.93 -1.16 -0.91
C LEU A 46 18.50 -1.29 -0.40
N ASP A 47 17.73 -0.23 -0.64
CA ASP A 47 16.36 -0.07 -0.10
C ASP A 47 15.30 -0.73 -0.93
N PHE A 48 15.13 -2.03 -0.77
CA PHE A 48 14.18 -2.78 -1.57
C PHE A 48 12.67 -2.69 -1.17
N THR A 49 12.35 -1.73 -0.33
CA THR A 49 10.98 -1.55 0.08
C THR A 49 10.64 -0.05 0.00
N SER A 50 11.48 0.72 -0.65
CA SER A 50 11.26 2.15 -0.79
C SER A 50 10.91 2.73 0.56
N GLY A 51 11.72 2.43 1.58
CA GLY A 51 11.47 3.04 2.93
C GLY A 51 10.27 2.25 3.46
N GLN A 52 9.20 2.92 3.91
CA GLN A 52 8.05 2.11 4.34
C GLN A 52 7.08 2.05 3.11
N MET A 53 7.55 1.44 2.05
CA MET A 53 6.73 1.21 0.86
C MET A 53 6.21 2.56 0.32
N SER A 54 7.02 3.61 0.35
CA SER A 54 6.56 4.97 -0.05
C SER A 54 7.37 5.67 -1.10
N ALA A 55 8.67 5.58 -0.96
CA ALA A 55 9.56 6.42 -1.79
C ALA A 55 9.67 6.07 -3.27
N VAL A 56 8.61 6.32 -4.06
CA VAL A 56 8.67 5.92 -5.52
C VAL A 56 9.79 6.63 -6.31
N LEU A 57 10.16 7.82 -5.85
CA LEU A 57 11.20 8.61 -6.51
C LEU A 57 12.57 8.36 -5.86
N GLY A 58 12.62 7.39 -4.94
CA GLY A 58 13.86 7.13 -4.16
C GLY A 58 14.03 8.22 -3.03
N HIS A 59 15.14 8.17 -2.28
CA HIS A 59 15.37 9.12 -1.20
C HIS A 59 15.94 10.40 -1.64
N CYS A 60 15.57 11.45 -0.94
CA CYS A 60 16.14 12.74 -1.22
C CYS A 60 16.22 13.11 -2.67
N HIS A 61 15.11 12.92 -3.39
CA HIS A 61 15.07 13.34 -4.79
C HIS A 61 15.22 14.92 -4.95
N PRO A 62 16.21 15.31 -5.73
CA PRO A 62 16.56 16.73 -5.93
C PRO A 62 15.41 17.60 -6.19
N GLU A 63 14.43 17.06 -6.92
CA GLU A 63 13.25 17.88 -7.27
C GLU A 63 12.42 18.07 -6.07
N ILE A 64 12.34 17.04 -5.28
CA ILE A 64 11.54 17.15 -4.12
C ILE A 64 12.20 18.01 -3.17
N VAL A 65 13.50 17.86 -3.17
CA VAL A 65 14.28 18.68 -2.26
C VAL A 65 14.04 20.22 -2.62
N SER A 66 14.12 20.53 -3.89
CA SER A 66 13.84 21.91 -4.31
C SER A 66 12.43 22.38 -3.92
N VAL A 67 11.44 21.62 -4.33
CA VAL A 67 10.14 22.12 -4.07
C VAL A 67 9.95 22.32 -2.58
N ILE A 68 10.43 21.31 -1.81
CA ILE A 68 10.24 21.40 -0.36
C ILE A 68 10.78 22.70 0.18
N GLY A 69 11.99 22.94 -0.28
CA GLY A 69 12.70 24.06 0.21
C GLY A 69 11.92 25.26 -0.05
N GLU A 70 11.52 25.37 -1.32
CA GLU A 70 10.75 26.48 -1.87
C GLU A 70 9.47 26.87 -1.06
N TYR A 71 8.63 25.90 -0.77
CA TYR A 71 7.45 26.23 -0.01
C TYR A 71 7.69 26.39 1.47
N ALA A 72 8.68 25.67 1.98
CA ALA A 72 8.97 25.79 3.42
C ALA A 72 9.24 27.27 3.64
N GLY A 73 9.99 27.86 2.72
CA GLY A 73 10.32 29.26 2.89
C GLY A 73 9.29 30.30 2.41
N LYS A 74 8.37 29.90 1.54
CA LYS A 74 7.42 30.84 0.97
C LYS A 74 5.97 30.68 1.42
N LEU A 75 5.47 29.42 1.53
CA LEU A 75 4.04 29.17 1.87
C LEU A 75 3.94 27.80 2.50
N ASP A 76 3.78 27.77 3.78
CA ASP A 76 3.90 26.52 4.43
C ASP A 76 2.66 25.88 4.92
N HIS A 77 2.05 26.51 5.92
CA HIS A 77 0.89 25.97 6.55
C HIS A 77 -0.10 27.14 6.73
N LEU A 78 -1.43 26.83 6.58
CA LEU A 78 -2.55 27.80 6.63
C LEU A 78 -3.80 27.35 7.34
N PHE A 79 -4.57 28.35 7.80
CA PHE A 79 -5.92 28.15 8.36
C PHE A 79 -6.60 27.27 7.33
N SER A 80 -7.31 26.23 7.79
CA SER A 80 -7.91 25.26 6.89
C SER A 80 -9.04 25.84 5.97
N GLU A 81 -9.38 27.11 6.19
CA GLU A 81 -10.33 27.78 5.36
C GLU A 81 -9.69 28.62 4.27
N MET A 82 -8.34 28.68 4.30
CA MET A 82 -7.62 29.42 3.28
C MET A 82 -7.06 28.58 2.16
N LEU A 83 -7.45 28.92 0.94
CA LEU A 83 -7.01 28.23 -0.23
C LEU A 83 -5.82 28.89 -0.82
N SER A 84 -5.11 28.11 -1.64
CA SER A 84 -3.85 28.54 -2.27
C SER A 84 -3.63 27.68 -3.53
N ARG A 85 -2.64 28.05 -4.34
CA ARG A 85 -2.42 27.35 -5.58
C ARG A 85 -2.02 25.92 -5.57
N PRO A 86 -1.08 25.60 -4.70
CA PRO A 86 -0.60 24.23 -4.69
C PRO A 86 -1.79 23.32 -4.44
N VAL A 87 -2.67 23.75 -3.56
CA VAL A 87 -3.84 22.90 -3.24
C VAL A 87 -4.81 22.70 -4.39
N VAL A 88 -5.19 23.83 -5.04
CA VAL A 88 -6.13 23.72 -6.14
C VAL A 88 -5.48 22.96 -7.39
N ASP A 89 -4.19 23.22 -7.62
CA ASP A 89 -3.46 22.56 -8.68
C ASP A 89 -3.43 21.11 -8.48
N LEU A 90 -3.13 20.70 -7.25
CA LEU A 90 -3.06 19.25 -6.98
C LEU A 90 -4.42 18.53 -7.13
N ALA A 91 -5.41 19.16 -6.50
CA ALA A 91 -6.74 18.60 -6.55
C ALA A 91 -7.05 18.44 -8.02
N THR A 92 -6.68 19.48 -8.78
CA THR A 92 -7.01 19.47 -10.24
C THR A 92 -6.26 18.41 -10.98
N ARG A 93 -4.97 18.32 -10.67
CA ARG A 93 -4.19 17.30 -11.30
C ARG A 93 -4.81 15.93 -11.03
N LEU A 94 -5.10 15.66 -9.76
CA LEU A 94 -5.67 14.37 -9.46
C LEU A 94 -6.98 14.13 -10.18
N ALA A 95 -7.83 15.16 -10.26
CA ALA A 95 -9.13 14.94 -10.96
C ALA A 95 -8.74 14.52 -12.38
N ASN A 96 -7.71 15.16 -12.89
CA ASN A 96 -7.26 14.88 -14.23
C ASN A 96 -6.60 13.61 -14.53
N ILE A 97 -5.88 13.02 -13.57
CA ILE A 97 -5.17 11.78 -13.93
C ILE A 97 -5.87 10.62 -13.42
N THR A 98 -6.96 10.83 -12.73
CA THR A 98 -7.65 9.64 -12.32
C THR A 98 -8.70 9.47 -13.35
N PRO A 99 -9.25 8.32 -13.35
CA PRO A 99 -10.32 8.03 -14.22
C PRO A 99 -11.51 8.99 -14.13
N PRO A 100 -12.23 8.93 -15.20
CA PRO A 100 -13.37 9.70 -15.40
C PRO A 100 -14.35 9.29 -14.35
N GLY A 101 -14.97 10.26 -13.79
CA GLY A 101 -15.92 9.96 -12.79
C GLY A 101 -15.29 10.33 -11.44
N LEU A 102 -13.97 10.56 -11.38
CA LEU A 102 -13.35 10.94 -10.12
C LEU A 102 -13.00 12.34 -10.34
N ASP A 103 -13.68 13.21 -9.64
CA ASP A 103 -13.56 14.66 -9.91
C ASP A 103 -13.10 15.58 -8.87
N ARG A 104 -13.39 15.24 -7.62
CA ARG A 104 -13.04 16.16 -6.50
C ARG A 104 -12.13 15.56 -5.47
N ALA A 105 -11.16 16.30 -5.00
CA ALA A 105 -10.19 15.72 -4.03
C ALA A 105 -10.24 16.42 -2.71
N LEU A 106 -9.79 15.69 -1.70
CA LEU A 106 -9.65 16.21 -0.33
C LEU A 106 -8.15 15.85 0.07
N LEU A 107 -7.34 16.86 0.42
CA LEU A 107 -5.89 16.65 0.65
C LEU A 107 -5.58 16.61 2.14
N LEU A 108 -5.19 15.42 2.57
CA LEU A 108 -4.93 15.10 3.98
C LEU A 108 -3.51 14.74 4.22
N SER A 109 -3.26 13.91 5.28
CA SER A 109 -1.88 13.57 5.72
C SER A 109 -1.46 12.16 5.75
N THR A 110 -2.35 11.26 6.20
CA THR A 110 -1.98 9.84 6.21
C THR A 110 -2.95 8.97 5.49
N GLY A 111 -2.49 7.73 5.18
CA GLY A 111 -3.31 6.69 4.46
C GLY A 111 -4.49 6.31 5.34
N ALA A 112 -4.28 6.14 6.66
CA ALA A 112 -5.43 5.76 7.52
C ALA A 112 -6.41 6.90 7.50
N GLU A 113 -5.90 8.13 7.63
CA GLU A 113 -6.77 9.30 7.64
C GLU A 113 -7.57 9.33 6.34
N SER A 114 -6.92 9.08 5.23
CA SER A 114 -7.62 9.09 3.93
C SER A 114 -8.65 7.97 3.96
N ASN A 115 -8.37 6.81 4.52
CA ASN A 115 -9.49 5.83 4.54
C ASN A 115 -10.63 6.20 5.49
N GLU A 116 -10.29 6.88 6.58
CA GLU A 116 -11.36 7.31 7.52
C GLU A 116 -12.27 8.35 6.77
N ALA A 117 -11.65 9.28 6.06
CA ALA A 117 -12.41 10.29 5.33
C ALA A 117 -13.32 9.64 4.30
N ALA A 118 -12.83 8.67 3.57
CA ALA A 118 -13.65 7.97 2.56
C ALA A 118 -14.74 7.20 3.27
N ILE A 119 -14.42 6.56 4.37
CA ILE A 119 -15.44 5.77 5.01
C ILE A 119 -16.54 6.64 5.59
N ARG A 120 -16.14 7.78 6.16
CA ARG A 120 -17.16 8.66 6.81
C ARG A 120 -18.10 9.16 5.68
N MET A 121 -17.47 9.50 4.53
CA MET A 121 -18.22 10.04 3.38
C MET A 121 -19.21 9.01 2.91
N ALA A 122 -18.77 7.78 2.81
CA ALA A 122 -19.70 6.74 2.35
C ALA A 122 -20.86 6.52 3.28
N LYS A 123 -20.55 6.54 4.60
CA LYS A 123 -21.63 6.31 5.57
C LYS A 123 -22.70 7.45 5.47
N LEU A 124 -22.14 8.67 5.32
CA LEU A 124 -22.93 9.90 5.26
C LEU A 124 -23.87 9.82 4.02
N VAL A 125 -23.34 9.53 2.84
CA VAL A 125 -24.17 9.58 1.65
C VAL A 125 -25.06 8.44 1.49
N THR A 126 -24.80 7.34 2.16
CA THR A 126 -25.72 6.16 2.07
C THR A 126 -26.62 6.18 3.23
N GLY A 127 -26.32 6.98 4.23
CA GLY A 127 -27.18 6.96 5.41
C GLY A 127 -27.01 5.60 6.14
N LYS A 128 -25.94 4.89 5.81
CA LYS A 128 -25.75 3.57 6.44
C LYS A 128 -24.36 3.45 7.13
N TYR A 129 -24.09 2.31 7.78
CA TYR A 129 -22.81 2.22 8.58
C TYR A 129 -21.96 0.92 8.50
N GLU A 130 -22.52 -0.18 7.99
CA GLU A 130 -21.76 -1.42 7.86
C GLU A 130 -20.72 -1.34 6.76
N ILE A 131 -19.47 -1.75 7.11
CA ILE A 131 -18.33 -1.70 6.17
C ILE A 131 -17.77 -3.10 5.97
N VAL A 132 -17.47 -3.47 4.74
CA VAL A 132 -16.97 -4.82 4.47
C VAL A 132 -15.59 -4.71 3.84
N GLY A 133 -14.65 -5.54 4.33
CA GLY A 133 -13.31 -5.53 3.77
C GLY A 133 -12.93 -7.01 3.57
N PHE A 134 -11.65 -7.18 3.15
CA PHE A 134 -11.01 -8.50 2.99
C PHE A 134 -10.41 -8.97 4.29
N ALA A 135 -10.47 -10.26 4.43
CA ALA A 135 -9.97 -10.89 5.64
C ALA A 135 -8.50 -10.74 5.79
N GLN A 136 -7.80 -10.31 4.76
CA GLN A 136 -6.33 -10.09 4.92
C GLN A 136 -5.94 -8.68 4.67
N SER A 137 -6.91 -7.76 4.83
CA SER A 137 -6.68 -6.32 4.57
C SER A 137 -5.80 -5.65 5.61
N TRP A 138 -5.31 -4.47 5.20
CA TRP A 138 -4.61 -3.51 6.09
C TRP A 138 -4.94 -2.12 5.60
N HIS A 139 -5.72 -1.39 6.39
CA HIS A 139 -6.05 -0.03 5.99
C HIS A 139 -5.56 0.99 6.99
N GLY A 140 -4.93 0.56 8.10
CA GLY A 140 -4.38 1.60 9.04
C GLY A 140 -4.69 1.28 10.48
N MET A 141 -4.18 2.14 11.35
CA MET A 141 -4.24 1.89 12.84
C MET A 141 -5.34 2.64 13.59
N THR A 142 -5.97 3.60 12.91
CA THR A 142 -7.05 4.40 13.51
C THR A 142 -8.37 3.81 13.35
N GLY A 143 -9.19 4.19 14.31
CA GLY A 143 -10.54 3.74 14.40
C GLY A 143 -11.17 2.92 13.24
N ALA A 144 -11.73 3.63 12.24
CA ALA A 144 -12.48 2.93 11.16
C ALA A 144 -11.53 2.21 10.25
N ALA A 145 -10.36 2.80 10.03
CA ALA A 145 -9.42 2.09 9.14
C ALA A 145 -9.03 0.77 9.83
N ALA A 146 -8.89 0.84 11.15
CA ALA A 146 -8.51 -0.34 11.86
C ALA A 146 -9.64 -1.35 11.92
N SER A 147 -10.83 -0.86 12.12
CA SER A 147 -12.01 -1.79 12.16
C SER A 147 -12.16 -2.61 10.85
N ALA A 148 -11.70 -1.99 9.75
CA ALA A 148 -11.73 -2.69 8.45
C ALA A 148 -10.38 -3.46 8.14
N THR A 149 -9.43 -3.53 9.10
CA THR A 149 -8.11 -4.16 8.88
C THR A 149 -8.12 -5.51 9.46
N TYR A 150 -8.02 -6.48 8.63
CA TYR A 150 -8.15 -7.82 9.20
C TYR A 150 -6.85 -8.61 9.19
N SER A 151 -5.81 -8.10 8.56
CA SER A 151 -4.64 -8.90 8.58
C SER A 151 -4.01 -8.87 9.98
N ALA A 152 -4.32 -7.84 10.80
CA ALA A 152 -3.74 -7.69 12.12
C ALA A 152 -4.42 -6.65 12.92
N GLY A 153 -3.92 -6.51 14.13
CA GLY A 153 -4.37 -5.47 15.07
C GLY A 153 -5.75 -5.59 15.76
N ARG A 154 -6.46 -6.69 15.53
CA ARG A 154 -7.80 -6.76 16.10
C ARG A 154 -7.92 -7.13 17.59
N LYS A 155 -6.91 -7.76 18.15
CA LYS A 155 -7.09 -8.28 19.50
C LYS A 155 -6.64 -7.38 20.62
N GLY A 156 -7.22 -7.59 21.80
CA GLY A 156 -6.78 -6.91 23.03
C GLY A 156 -7.20 -5.47 23.26
N VAL A 157 -7.86 -4.90 22.24
CA VAL A 157 -8.28 -3.47 22.24
C VAL A 157 -9.77 -3.18 22.23
N GLY A 158 -10.58 -4.13 22.71
CA GLY A 158 -12.05 -3.94 22.72
C GLY A 158 -12.73 -4.13 21.37
N PRO A 159 -14.05 -3.89 21.30
CA PRO A 159 -14.82 -4.09 20.04
C PRO A 159 -14.35 -3.22 18.92
N ALA A 160 -14.48 -3.71 17.71
CA ALA A 160 -14.23 -2.94 16.56
C ALA A 160 -15.49 -2.09 16.38
N ALA A 161 -15.50 -1.34 15.33
CA ALA A 161 -16.65 -0.52 15.01
C ALA A 161 -17.87 -1.38 14.75
N VAL A 162 -19.02 -0.87 15.15
CA VAL A 162 -20.25 -1.60 14.89
C VAL A 162 -20.40 -1.83 13.37
N GLY A 163 -20.82 -3.01 12.99
CA GLY A 163 -21.02 -3.28 11.53
C GLY A 163 -19.79 -3.60 10.70
N SER A 164 -18.74 -4.11 11.35
CA SER A 164 -17.56 -4.50 10.60
C SER A 164 -17.69 -5.95 10.14
N PHE A 165 -17.46 -6.17 8.87
CA PHE A 165 -17.45 -7.56 8.33
C PHE A 165 -16.32 -7.74 7.38
N ALA A 166 -15.93 -8.99 7.13
CA ALA A 166 -14.86 -9.22 6.17
C ALA A 166 -15.31 -10.35 5.31
N ILE A 167 -14.72 -10.45 4.12
CA ILE A 167 -14.89 -11.70 3.31
C ILE A 167 -13.47 -12.16 2.90
N PRO A 168 -13.34 -13.41 2.52
CA PRO A 168 -11.99 -13.91 2.14
C PRO A 168 -11.58 -13.22 0.85
N ALA A 169 -10.32 -12.83 0.73
CA ALA A 169 -9.80 -12.29 -0.53
C ALA A 169 -9.53 -13.42 -1.54
N PRO A 170 -9.66 -13.10 -2.86
CA PRO A 170 -9.43 -14.15 -3.93
C PRO A 170 -7.88 -14.42 -3.96
N PHE A 171 -7.46 -15.63 -3.61
CA PHE A 171 -5.97 -15.90 -3.50
C PHE A 171 -5.59 -17.11 -4.34
N THR A 172 -5.12 -16.84 -5.54
CA THR A 172 -4.92 -17.94 -6.46
C THR A 172 -3.86 -18.88 -6.08
N TYR A 173 -2.87 -18.41 -5.31
CA TYR A 173 -1.80 -19.34 -4.86
C TYR A 173 -2.30 -20.32 -3.77
N ARG A 174 -3.30 -19.95 -3.00
CA ARG A 174 -3.76 -20.88 -1.99
C ARG A 174 -5.26 -20.89 -1.98
N PRO A 175 -5.85 -21.37 -3.05
CA PRO A 175 -7.33 -21.35 -3.21
C PRO A 175 -8.08 -22.27 -2.27
N ARG A 176 -9.25 -21.88 -1.73
CA ARG A 176 -10.02 -22.78 -0.79
C ARG A 176 -11.49 -23.01 -1.18
N PHE A 177 -11.87 -22.45 -2.33
CA PHE A 177 -13.27 -22.54 -2.85
C PHE A 177 -13.29 -23.16 -4.21
N GLU A 178 -13.75 -24.39 -4.28
CA GLU A 178 -13.70 -25.16 -5.51
C GLU A 178 -15.05 -25.42 -6.10
N ARG A 179 -15.08 -25.38 -7.42
CA ARG A 179 -16.27 -25.72 -8.19
C ARG A 179 -15.76 -26.43 -9.43
N ASN A 180 -16.26 -27.65 -9.64
CA ASN A 180 -15.89 -28.44 -10.80
C ASN A 180 -14.47 -28.50 -10.93
N GLY A 181 -13.82 -28.96 -9.87
CA GLY A 181 -12.38 -29.09 -9.92
C GLY A 181 -11.59 -27.85 -10.22
N ALA A 182 -12.14 -26.70 -10.03
CA ALA A 182 -11.31 -25.56 -10.26
C ALA A 182 -11.61 -24.45 -9.24
N TYR A 183 -10.70 -23.48 -9.13
CA TYR A 183 -10.86 -22.38 -8.18
C TYR A 183 -11.81 -21.40 -8.74
N ASP A 184 -12.97 -21.45 -8.24
CA ASP A 184 -13.94 -20.53 -8.74
C ASP A 184 -14.07 -19.32 -7.83
N TYR A 185 -13.14 -18.41 -8.00
CA TYR A 185 -13.09 -17.26 -7.15
C TYR A 185 -14.28 -16.35 -7.30
N LEU A 186 -14.97 -16.42 -8.46
CA LEU A 186 -16.19 -15.59 -8.67
C LEU A 186 -17.34 -16.21 -7.89
N ALA A 187 -17.42 -17.55 -7.85
CA ALA A 187 -18.47 -18.16 -7.05
C ALA A 187 -18.15 -17.89 -5.53
N GLU A 188 -16.86 -17.89 -5.17
CA GLU A 188 -16.46 -17.66 -3.76
C GLU A 188 -16.96 -16.32 -3.33
N LEU A 189 -16.85 -15.38 -4.26
CA LEU A 189 -17.35 -14.03 -4.02
C LEU A 189 -18.87 -13.98 -3.79
N ASP A 190 -19.60 -14.70 -4.61
CA ASP A 190 -21.00 -14.73 -4.47
C ASP A 190 -21.38 -15.35 -3.18
N TYR A 191 -20.70 -16.48 -2.89
CA TYR A 191 -20.99 -17.23 -1.70
C TYR A 191 -20.70 -16.29 -0.44
N ALA A 192 -19.59 -15.59 -0.48
CA ALA A 192 -19.25 -14.68 0.66
C ALA A 192 -20.36 -13.61 0.90
N PHE A 193 -20.80 -12.97 -0.21
CA PHE A 193 -21.84 -11.95 -0.15
C PHE A 193 -23.13 -12.45 0.30
N ASP A 194 -23.46 -13.66 -0.07
CA ASP A 194 -24.76 -14.05 0.42
C ASP A 194 -24.72 -14.11 1.92
N LEU A 195 -23.55 -14.51 2.43
CA LEU A 195 -23.44 -14.65 3.87
C LEU A 195 -23.52 -13.25 4.46
N ILE A 196 -22.78 -12.40 3.86
CA ILE A 196 -22.81 -11.04 4.36
C ILE A 196 -24.25 -10.59 4.39
N ASP A 197 -24.94 -10.86 3.29
CA ASP A 197 -26.29 -10.34 3.17
C ASP A 197 -27.05 -10.87 4.36
N ARG A 198 -26.82 -12.12 4.65
CA ARG A 198 -27.60 -12.64 5.74
C ARG A 198 -27.22 -12.02 7.08
N GLN A 199 -25.99 -11.56 7.24
CA GLN A 199 -25.69 -11.02 8.61
C GLN A 199 -26.07 -9.56 8.72
N SER A 200 -26.12 -8.84 7.60
CA SER A 200 -26.40 -7.41 7.58
C SER A 200 -27.68 -7.01 8.30
N SER A 201 -27.65 -5.82 8.91
CA SER A 201 -28.86 -5.24 9.52
C SER A 201 -29.55 -4.43 8.43
N GLY A 202 -29.11 -4.60 7.20
CA GLY A 202 -29.69 -3.85 6.11
C GLY A 202 -29.04 -2.50 6.09
N ASN A 203 -27.79 -2.40 6.53
CA ASN A 203 -27.09 -1.11 6.51
C ASN A 203 -25.77 -1.13 5.86
N LEU A 204 -25.63 -1.88 4.77
CA LEU A 204 -24.34 -1.90 4.03
C LEU A 204 -23.99 -0.53 3.37
N ALA A 205 -22.90 0.10 3.78
CA ALA A 205 -22.54 1.34 3.22
C ALA A 205 -21.44 1.24 2.13
N ALA A 206 -20.42 0.39 2.38
CA ALA A 206 -19.27 0.28 1.44
C ALA A 206 -18.54 -0.99 1.51
N PHE A 207 -17.74 -1.24 0.50
CA PHE A 207 -16.81 -2.35 0.56
C PHE A 207 -15.52 -1.60 0.39
N ILE A 208 -14.49 -1.92 1.17
CA ILE A 208 -13.19 -1.20 0.96
C ILE A 208 -12.15 -2.26 0.59
N ALA A 209 -11.29 -1.91 -0.36
CA ALA A 209 -10.39 -2.85 -0.91
C ALA A 209 -9.11 -2.28 -1.45
N GLU A 210 -8.05 -3.09 -1.26
CA GLU A 210 -6.71 -2.80 -1.84
C GLU A 210 -6.73 -3.66 -3.19
N PRO A 211 -6.27 -3.06 -4.28
CA PRO A 211 -6.28 -3.76 -5.63
C PRO A 211 -5.33 -4.93 -5.56
N ILE A 212 -4.24 -4.69 -4.83
CA ILE A 212 -3.25 -5.72 -4.44
C ILE A 212 -3.02 -5.56 -2.86
N LEU A 213 -3.35 -6.60 -2.11
CA LEU A 213 -3.24 -6.58 -0.63
C LEU A 213 -1.81 -6.72 -0.33
N SER A 214 -1.24 -5.69 0.21
CA SER A 214 0.22 -5.74 0.41
C SER A 214 0.61 -6.40 1.72
N SER A 215 0.31 -5.72 2.82
CA SER A 215 0.61 -6.23 4.11
C SER A 215 0.06 -7.65 4.19
N GLY A 216 -1.04 -7.93 3.49
CA GLY A 216 -1.71 -9.26 3.51
C GLY A 216 -0.99 -10.34 2.69
N GLY A 217 0.13 -9.99 2.09
CA GLY A 217 0.85 -11.04 1.35
C GLY A 217 0.94 -10.88 -0.20
N ILE A 218 0.91 -9.61 -0.67
CA ILE A 218 0.93 -9.30 -2.12
C ILE A 218 -0.10 -10.19 -2.82
N ILE A 219 -1.35 -10.02 -2.48
CA ILE A 219 -2.35 -10.87 -3.08
C ILE A 219 -3.08 -9.98 -4.11
N GLU A 220 -2.92 -10.33 -5.36
CA GLU A 220 -3.46 -9.55 -6.45
C GLU A 220 -4.87 -9.99 -6.81
N LEU A 221 -5.83 -9.08 -6.81
CA LEU A 221 -7.22 -9.52 -7.18
C LEU A 221 -7.17 -10.09 -8.63
N PRO A 222 -7.67 -11.31 -8.86
CA PRO A 222 -7.56 -11.92 -10.23
C PRO A 222 -8.58 -11.36 -11.31
N ASP A 223 -8.38 -11.85 -12.54
CA ASP A 223 -9.16 -11.44 -13.72
C ASP A 223 -10.60 -11.41 -13.50
N GLY A 224 -11.17 -10.23 -13.69
CA GLY A 224 -12.60 -10.00 -13.53
C GLY A 224 -13.11 -9.84 -12.11
N TYR A 225 -12.25 -10.06 -11.13
CA TYR A 225 -12.76 -10.05 -9.78
C TYR A 225 -13.31 -8.63 -9.39
N MET A 226 -12.48 -7.62 -9.68
CA MET A 226 -12.84 -6.30 -9.28
C MET A 226 -14.13 -5.88 -9.87
N ALA A 227 -14.27 -6.20 -11.12
CA ALA A 227 -15.50 -5.85 -11.75
C ALA A 227 -16.67 -6.53 -11.06
N ALA A 228 -16.54 -7.79 -10.77
CA ALA A 228 -17.64 -8.46 -10.13
C ALA A 228 -17.87 -7.81 -8.75
N LEU A 229 -16.81 -7.37 -8.14
CA LEU A 229 -16.99 -6.81 -6.79
C LEU A 229 -17.82 -5.56 -6.90
N LYS A 230 -17.45 -4.76 -7.86
CA LYS A 230 -18.17 -3.49 -8.06
C LYS A 230 -19.61 -3.74 -8.33
N ARG A 231 -19.91 -4.81 -9.02
CA ARG A 231 -21.29 -5.11 -9.25
C ARG A 231 -22.03 -5.53 -7.97
N LYS A 232 -21.33 -6.28 -7.12
CA LYS A 232 -21.97 -6.65 -5.85
C LYS A 232 -22.38 -5.37 -5.10
N CYS A 233 -21.49 -4.40 -5.07
CA CYS A 233 -21.78 -3.18 -4.34
C CYS A 233 -22.94 -2.45 -4.95
N GLU A 234 -22.85 -2.22 -6.27
CA GLU A 234 -23.94 -1.46 -6.97
C GLU A 234 -25.28 -2.11 -6.68
N ALA A 235 -25.29 -3.43 -6.77
CA ALA A 235 -26.46 -4.18 -6.51
C ALA A 235 -26.99 -3.88 -5.11
N ARG A 236 -26.14 -3.52 -4.15
CA ARG A 236 -26.62 -3.32 -2.80
C ARG A 236 -26.64 -1.83 -2.46
N GLY A 237 -26.42 -0.99 -3.43
CA GLY A 237 -26.44 0.43 -3.07
C GLY A 237 -25.27 0.84 -2.18
N MET A 238 -24.15 0.10 -2.27
CA MET A 238 -22.94 0.34 -1.45
C MET A 238 -21.89 1.03 -2.23
N LEU A 239 -21.06 1.91 -1.60
CA LEU A 239 -19.99 2.46 -2.43
C LEU A 239 -18.85 1.44 -2.51
N LEU A 240 -17.95 1.62 -3.45
CA LEU A 240 -16.74 0.82 -3.47
C LEU A 240 -15.61 1.83 -3.27
N ILE A 241 -14.84 1.61 -2.22
CA ILE A 241 -13.74 2.49 -1.96
C ILE A 241 -12.51 1.66 -2.30
N LEU A 242 -11.62 2.19 -3.14
CA LEU A 242 -10.37 1.48 -3.45
C LEU A 242 -9.25 2.16 -2.73
N ASP A 243 -8.56 1.41 -1.86
CA ASP A 243 -7.44 1.98 -1.10
C ASP A 243 -6.12 1.76 -1.96
N GLU A 244 -5.61 2.80 -2.59
CA GLU A 244 -4.39 2.64 -3.46
C GLU A 244 -3.17 3.33 -2.79
N ALA A 245 -3.17 3.24 -1.45
CA ALA A 245 -2.01 3.78 -0.66
C ALA A 245 -0.63 3.27 -1.22
N GLN A 246 -0.60 2.01 -1.60
CA GLN A 246 0.64 1.50 -2.07
C GLN A 246 0.59 1.27 -3.53
N THR A 247 -0.56 0.88 -4.04
CA THR A 247 -0.59 0.57 -5.47
C THR A 247 -0.73 1.81 -6.34
N GLY A 248 -1.08 2.93 -5.75
CA GLY A 248 -1.31 4.08 -6.62
C GLY A 248 -0.06 4.72 -7.11
N VAL A 249 -0.22 5.73 -7.93
CA VAL A 249 0.89 6.48 -8.38
C VAL A 249 1.95 5.65 -9.05
N GLY A 250 1.52 4.74 -9.92
CA GLY A 250 2.51 4.10 -10.75
C GLY A 250 3.20 2.87 -10.32
N ARG A 251 3.19 2.59 -9.02
CA ARG A 251 3.87 1.37 -8.44
C ARG A 251 3.61 0.05 -9.16
N THR A 252 2.39 -0.17 -9.60
CA THR A 252 2.08 -1.43 -10.28
C THR A 252 2.18 -1.34 -11.86
N GLY A 253 2.72 -0.24 -12.40
CA GLY A 253 2.89 -0.12 -13.83
C GLY A 253 1.72 0.50 -14.60
N THR A 254 0.73 1.07 -13.89
CA THR A 254 -0.38 1.92 -14.39
C THR A 254 -0.39 3.05 -13.37
N MET A 255 -0.88 4.20 -13.74
CA MET A 255 -0.87 5.32 -12.81
C MET A 255 -1.54 4.95 -11.52
N PHE A 256 -2.71 4.31 -11.71
CA PHE A 256 -3.55 3.71 -10.66
C PHE A 256 -3.95 2.26 -11.04
N ALA A 257 -3.83 1.37 -10.06
CA ALA A 257 -4.19 0.00 -10.33
C ALA A 257 -5.56 -0.15 -10.83
N CYS A 258 -6.52 0.59 -10.25
CA CYS A 258 -7.95 0.37 -10.75
C CYS A 258 -8.00 0.61 -12.35
N GLN A 259 -7.02 1.35 -12.92
CA GLN A 259 -7.05 1.59 -14.37
C GLN A 259 -6.81 0.29 -15.03
N ARG A 260 -6.02 -0.54 -14.42
CA ARG A 260 -5.78 -1.82 -15.00
C ARG A 260 -7.01 -2.65 -15.16
N ASP A 261 -7.88 -2.68 -14.20
CA ASP A 261 -9.02 -3.54 -14.44
C ASP A 261 -10.08 -2.74 -15.23
N GLY A 262 -9.80 -1.47 -15.47
CA GLY A 262 -10.81 -0.62 -16.06
C GLY A 262 -12.11 -0.54 -15.12
N VAL A 263 -11.91 -0.62 -13.80
CA VAL A 263 -13.04 -0.47 -12.83
C VAL A 263 -12.87 0.84 -11.97
N THR A 264 -13.85 1.74 -12.03
CA THR A 264 -13.72 3.01 -11.34
C THR A 264 -14.44 2.92 -10.08
N PRO A 265 -13.74 3.11 -8.97
CA PRO A 265 -14.42 3.02 -7.63
C PRO A 265 -15.20 4.36 -7.37
N ASP A 266 -16.07 4.38 -6.36
CA ASP A 266 -16.79 5.60 -5.92
C ASP A 266 -15.84 6.54 -5.22
N ILE A 267 -14.89 5.99 -4.45
CA ILE A 267 -13.92 6.88 -3.83
C ILE A 267 -12.60 6.14 -3.90
N LEU A 268 -11.56 6.88 -4.17
CA LEU A 268 -10.25 6.37 -4.31
C LEU A 268 -9.41 7.06 -3.25
N THR A 269 -8.58 6.27 -2.53
CA THR A 269 -7.70 6.86 -1.49
C THR A 269 -6.23 6.72 -1.82
N LEU A 270 -5.48 7.74 -1.49
CA LEU A 270 -4.11 7.77 -1.82
C LEU A 270 -3.28 8.28 -0.66
N SER A 271 -1.97 7.88 -0.65
CA SER A 271 -1.11 8.41 0.43
C SER A 271 0.34 8.17 0.29
N LYS A 272 0.75 6.94 0.62
CA LYS A 272 2.21 6.52 0.67
C LYS A 272 3.05 7.01 -0.49
N THR A 273 2.63 6.54 -1.66
CA THR A 273 3.35 6.86 -2.86
C THR A 273 3.03 8.26 -3.33
N LEU A 274 1.85 8.77 -2.97
CA LEU A 274 1.51 10.17 -3.35
C LEU A 274 2.44 11.19 -2.72
N GLY A 275 2.68 10.97 -1.44
CA GLY A 275 3.57 11.87 -0.67
C GLY A 275 5.04 11.44 -0.88
N ALA A 276 5.25 10.25 -1.48
CA ALA A 276 6.62 9.75 -1.78
C ALA A 276 7.60 9.86 -0.53
N GLY A 277 7.08 9.74 0.72
CA GLY A 277 7.95 9.86 1.88
C GLY A 277 7.39 10.91 2.82
N LEU A 278 6.72 11.97 2.29
CA LEU A 278 6.20 12.99 3.13
C LEU A 278 4.83 12.64 3.48
N PRO A 279 4.34 13.19 4.55
CA PRO A 279 3.01 12.84 4.99
C PRO A 279 1.94 13.69 4.23
N LEU A 280 1.47 13.12 3.13
CA LEU A 280 0.40 13.73 2.32
C LEU A 280 -0.47 12.58 1.91
N ALA A 281 -1.78 12.76 1.98
CA ALA A 281 -2.67 11.65 1.58
C ALA A 281 -3.85 12.33 0.83
N ALA A 282 -4.80 11.56 0.33
CA ALA A 282 -5.95 12.21 -0.32
C ALA A 282 -7.01 11.24 -0.59
N ILE A 283 -8.20 11.75 -0.77
CA ILE A 283 -9.29 10.89 -1.31
C ILE A 283 -9.82 11.65 -2.57
N VAL A 284 -10.29 10.89 -3.54
CA VAL A 284 -10.89 11.49 -4.73
C VAL A 284 -12.23 10.77 -4.95
N THR A 285 -13.31 11.55 -5.19
CA THR A 285 -14.64 10.98 -5.43
C THR A 285 -15.38 11.78 -6.63
N SER A 286 -16.55 11.28 -6.96
CA SER A 286 -17.29 11.89 -8.02
C SER A 286 -17.90 13.16 -7.55
N ALA A 287 -18.15 14.03 -8.51
CA ALA A 287 -18.87 15.25 -8.25
C ALA A 287 -20.25 14.97 -7.60
N ALA A 288 -20.91 13.95 -8.06
CA ALA A 288 -22.22 13.70 -7.49
C ALA A 288 -22.11 13.30 -6.05
N ILE A 289 -21.13 12.43 -5.74
CA ILE A 289 -21.04 11.95 -4.35
C ILE A 289 -20.62 13.13 -3.50
N GLU A 290 -19.68 13.89 -4.03
CA GLU A 290 -19.26 15.01 -3.24
C GLU A 290 -20.40 16.00 -3.00
N GLU A 291 -21.22 16.18 -4.02
CA GLU A 291 -22.26 17.16 -3.82
C GLU A 291 -23.22 16.69 -2.78
N ARG A 292 -23.55 15.41 -2.82
CA ARG A 292 -24.48 14.91 -1.82
C ARG A 292 -23.86 14.97 -0.41
N ALA A 293 -22.58 14.62 -0.30
CA ALA A 293 -21.91 14.69 1.03
C ALA A 293 -22.06 16.13 1.54
N HIS A 294 -21.77 17.05 0.65
CA HIS A 294 -21.84 18.39 1.11
C HIS A 294 -23.28 18.74 1.52
N GLU A 295 -24.25 18.28 0.79
CA GLU A 295 -25.58 18.67 1.15
C GLU A 295 -25.85 18.11 2.49
N LEU A 296 -25.18 17.02 2.85
CA LEU A 296 -25.49 16.34 4.13
C LEU A 296 -24.53 16.81 5.26
N GLY A 297 -23.78 17.85 4.99
CA GLY A 297 -22.99 18.44 6.02
C GLY A 297 -21.68 17.74 6.19
N TYR A 298 -21.17 17.07 5.14
CA TYR A 298 -19.92 16.36 5.31
C TYR A 298 -18.88 17.18 6.06
N LEU A 299 -18.34 16.59 7.11
CA LEU A 299 -17.29 17.27 7.85
C LEU A 299 -16.01 16.44 7.97
N PHE A 300 -14.87 17.00 7.66
CA PHE A 300 -13.64 16.26 7.90
C PHE A 300 -12.58 17.30 7.96
N TYR A 301 -12.66 18.18 8.95
CA TYR A 301 -11.82 19.39 9.01
C TYR A 301 -10.59 19.14 9.92
N THR A 302 -9.36 19.19 9.37
CA THR A 302 -8.17 18.84 10.17
C THR A 302 -7.21 19.96 10.16
N THR A 303 -6.08 19.75 10.78
CA THR A 303 -5.07 20.80 10.86
C THR A 303 -4.41 20.95 9.52
N HIS A 304 -4.02 19.85 8.93
CA HIS A 304 -3.25 20.00 7.74
C HIS A 304 -3.98 19.79 6.43
N VAL A 305 -5.30 19.56 6.47
CA VAL A 305 -6.06 19.40 5.24
C VAL A 305 -5.75 20.72 4.44
N SER A 306 -5.55 20.57 3.14
CA SER A 306 -5.29 21.75 2.33
C SER A 306 -4.04 22.56 2.71
N ASP A 307 -2.99 21.94 3.25
CA ASP A 307 -1.78 22.74 3.57
C ASP A 307 -0.95 22.83 2.29
N PRO A 308 -0.41 24.02 2.03
CA PRO A 308 0.36 24.26 0.75
C PRO A 308 1.63 23.48 0.57
N LEU A 309 2.44 23.41 1.59
CA LEU A 309 3.69 22.73 1.37
C LEU A 309 3.50 21.25 0.92
N PRO A 310 2.74 20.48 1.68
CA PRO A 310 2.57 19.03 1.28
C PRO A 310 1.95 18.94 -0.10
N ALA A 311 0.94 19.80 -0.34
CA ALA A 311 0.25 19.76 -1.64
C ALA A 311 1.31 20.05 -2.69
N ALA A 312 2.11 21.06 -2.40
CA ALA A 312 3.16 21.42 -3.35
C ALA A 312 4.04 20.20 -3.60
N VAL A 313 4.31 19.49 -2.54
CA VAL A 313 5.19 18.32 -2.72
C VAL A 313 4.51 17.24 -3.61
N GLY A 314 3.31 16.87 -3.27
CA GLY A 314 2.69 15.82 -4.07
C GLY A 314 2.58 16.25 -5.61
N LEU A 315 2.32 17.53 -5.85
CA LEU A 315 2.24 17.95 -7.28
C LEU A 315 3.59 17.68 -8.00
N ARG A 316 4.68 17.98 -7.30
CA ARG A 316 5.98 17.74 -7.86
C ARG A 316 6.19 16.23 -8.06
N VAL A 317 5.61 15.46 -7.16
CA VAL A 317 5.77 14.00 -7.30
C VAL A 317 5.11 13.56 -8.58
N LEU A 318 3.90 14.03 -8.77
CA LEU A 318 3.17 13.62 -10.00
C LEU A 318 3.89 14.13 -11.24
N ASP A 319 4.36 15.33 -11.13
CA ASP A 319 5.11 15.85 -12.26
C ASP A 319 6.26 14.93 -12.60
N VAL A 320 7.06 14.70 -11.63
CA VAL A 320 8.20 13.89 -11.95
C VAL A 320 7.77 12.56 -12.50
N VAL A 321 6.79 11.93 -11.85
CA VAL A 321 6.40 10.61 -12.31
C VAL A 321 5.99 10.63 -13.74
N GLN A 322 5.24 11.67 -14.06
CA GLN A 322 4.72 11.76 -15.40
C GLN A 322 5.86 11.95 -16.41
N ARG A 323 6.59 12.98 -16.13
CA ARG A 323 7.62 13.42 -16.97
C ARG A 323 8.73 12.41 -17.19
N ASP A 324 9.10 11.69 -16.14
CA ASP A 324 10.10 10.69 -16.29
C ASP A 324 9.57 9.39 -16.62
N GLY A 325 8.31 9.38 -17.02
CA GLY A 325 7.70 8.08 -17.43
C GLY A 325 8.09 7.02 -16.35
N LEU A 326 7.91 7.36 -15.08
CA LEU A 326 8.23 6.34 -14.03
C LEU A 326 7.20 5.23 -14.03
N VAL A 327 5.95 5.47 -14.51
CA VAL A 327 5.02 4.36 -14.58
C VAL A 327 5.57 3.26 -15.54
N ALA A 328 6.17 3.69 -16.64
CA ALA A 328 6.67 2.72 -17.54
C ALA A 328 7.94 2.07 -16.92
N ARG A 329 8.76 2.87 -16.22
CA ARG A 329 10.00 2.27 -15.58
C ARG A 329 9.61 1.15 -14.67
N ALA A 330 8.41 1.28 -14.10
CA ALA A 330 7.94 0.24 -13.21
C ALA A 330 7.70 -1.04 -13.91
N ASN A 331 7.23 -0.95 -15.13
CA ASN A 331 6.96 -2.17 -15.85
C ASN A 331 8.29 -2.88 -16.35
N VAL A 332 9.21 -2.09 -16.77
CA VAL A 332 10.43 -2.56 -17.34
C VAL A 332 11.31 -3.15 -16.21
N MET A 333 11.64 -2.32 -15.21
CA MET A 333 12.39 -2.77 -14.02
C MET A 333 11.59 -3.88 -13.34
N GLY A 334 10.27 -3.71 -13.32
CA GLY A 334 9.40 -4.72 -12.70
C GLY A 334 9.60 -6.02 -13.39
N ASP A 335 9.66 -5.92 -14.67
CA ASP A 335 9.79 -7.14 -15.41
C ASP A 335 11.18 -7.65 -15.24
N ARG A 336 12.15 -6.73 -15.15
CA ARG A 336 13.49 -7.19 -15.00
C ARG A 336 13.60 -7.97 -13.67
N LEU A 337 13.03 -7.39 -12.63
CA LEU A 337 13.06 -8.02 -11.35
C LEU A 337 12.26 -9.33 -11.30
N ARG A 338 11.06 -9.38 -11.86
CA ARG A 338 10.33 -10.65 -11.84
C ARG A 338 11.12 -11.81 -12.43
N ARG A 339 11.70 -11.58 -13.60
CA ARG A 339 12.50 -12.61 -14.30
C ARG A 339 13.64 -13.14 -13.34
N GLY A 340 14.35 -12.22 -12.69
CA GLY A 340 15.41 -12.60 -11.78
C GLY A 340 14.83 -13.52 -10.71
N LEU A 341 13.72 -13.06 -10.14
CA LEU A 341 13.11 -13.79 -9.06
C LEU A 341 12.80 -15.14 -9.55
N LEU A 342 12.32 -15.23 -10.78
CA LEU A 342 11.94 -16.53 -11.28
C LEU A 342 13.17 -17.35 -11.56
N ASP A 343 14.27 -16.70 -11.85
CA ASP A 343 15.48 -17.45 -12.06
C ASP A 343 15.87 -18.11 -10.70
N LEU A 344 15.80 -17.29 -9.66
CA LEU A 344 16.07 -17.80 -8.33
C LEU A 344 15.19 -18.97 -8.03
N MET A 345 13.95 -18.79 -8.37
CA MET A 345 13.01 -19.78 -8.04
C MET A 345 13.45 -21.03 -8.75
N GLU A 346 14.11 -20.85 -9.90
CA GLU A 346 14.52 -22.02 -10.67
C GLU A 346 15.63 -22.71 -9.87
N ARG A 347 16.41 -21.89 -9.22
CA ARG A 347 17.51 -22.37 -8.45
C ARG A 347 17.10 -22.98 -7.09
N PHE A 348 16.23 -22.30 -6.33
CA PHE A 348 15.84 -22.76 -4.97
C PHE A 348 14.42 -23.23 -4.75
N ASP A 349 14.30 -24.45 -4.31
CA ASP A 349 13.00 -25.01 -4.12
C ASP A 349 12.11 -24.30 -3.12
N CYS A 350 12.72 -23.59 -2.20
CA CYS A 350 11.96 -22.91 -1.12
C CYS A 350 11.08 -21.75 -1.62
N ILE A 351 11.41 -21.30 -2.83
CA ILE A 351 10.69 -20.23 -3.42
C ILE A 351 9.48 -20.84 -4.01
N GLY A 352 8.37 -20.69 -3.33
CA GLY A 352 7.17 -21.32 -3.75
C GLY A 352 6.32 -20.49 -4.79
N ASP A 353 6.43 -19.15 -4.75
CA ASP A 353 5.64 -18.35 -5.69
C ASP A 353 6.17 -16.95 -5.86
N VAL A 354 6.05 -16.45 -7.10
CA VAL A 354 6.52 -15.09 -7.46
C VAL A 354 5.31 -14.45 -8.12
N ARG A 355 4.80 -13.40 -7.46
CA ARG A 355 3.55 -12.76 -7.85
C ARG A 355 3.56 -11.27 -7.62
N GLY A 356 2.48 -10.60 -7.97
CA GLY A 356 2.45 -9.15 -7.86
C GLY A 356 2.40 -8.57 -9.27
N ARG A 357 2.72 -7.29 -9.38
CA ARG A 357 2.63 -6.58 -10.67
C ARG A 357 3.53 -5.35 -10.60
N GLY A 358 4.12 -4.98 -11.73
CA GLY A 358 4.98 -3.79 -11.71
C GLY A 358 6.08 -3.88 -10.66
N LEU A 359 6.31 -2.84 -9.90
CA LEU A 359 7.34 -2.92 -8.88
C LEU A 359 6.72 -3.20 -7.48
N LEU A 360 5.69 -4.04 -7.46
CA LEU A 360 5.13 -4.44 -6.19
C LEU A 360 5.05 -5.90 -6.37
N LEU A 361 6.12 -6.59 -5.94
CA LEU A 361 6.23 -8.03 -6.10
C LEU A 361 6.38 -8.75 -4.75
N GLY A 362 5.96 -9.99 -4.74
CA GLY A 362 6.03 -10.77 -3.54
C GLY A 362 6.65 -12.09 -3.85
N VAL A 363 7.40 -12.58 -2.91
CA VAL A 363 7.97 -13.92 -3.06
C VAL A 363 7.61 -14.78 -1.80
N GLU A 364 6.85 -15.85 -2.01
CA GLU A 364 6.36 -16.70 -0.94
C GLU A 364 7.34 -17.88 -0.71
N ILE A 365 7.82 -17.97 0.53
CA ILE A 365 8.76 -19.03 0.95
C ILE A 365 8.05 -20.25 1.46
N VAL A 366 8.38 -21.43 0.93
CA VAL A 366 7.70 -22.63 1.40
C VAL A 366 8.74 -23.70 1.69
N LYS A 367 8.30 -24.70 2.45
CA LYS A 367 9.13 -25.85 2.86
C LYS A 367 8.99 -26.92 1.78
N ASP A 368 7.80 -26.96 1.15
CA ASP A 368 7.47 -27.96 0.12
C ASP A 368 6.52 -27.47 -1.02
N ARG A 369 6.98 -27.41 -2.27
CA ARG A 369 6.07 -27.00 -3.36
C ARG A 369 4.87 -27.84 -3.55
N ARG A 370 4.95 -29.10 -3.22
CA ARG A 370 3.78 -29.90 -3.37
C ARG A 370 2.82 -29.54 -2.25
N THR A 371 3.34 -29.34 -1.07
CA THR A 371 2.46 -29.11 0.08
C THR A 371 2.22 -27.67 0.28
N LYS A 372 3.19 -26.86 -0.16
CA LYS A 372 3.12 -25.44 0.06
C LYS A 372 3.16 -25.24 1.56
N GLU A 373 3.90 -26.12 2.18
CA GLU A 373 4.11 -26.03 3.58
C GLU A 373 5.00 -24.85 3.84
N PRO A 374 4.55 -23.96 4.72
CA PRO A 374 5.33 -22.78 5.09
C PRO A 374 6.60 -23.23 5.64
N ALA A 375 7.67 -22.51 5.34
CA ALA A 375 8.99 -22.82 5.87
C ALA A 375 9.19 -21.98 7.10
N ASP A 376 8.98 -22.64 8.22
CA ASP A 376 9.07 -22.00 9.52
C ASP A 376 10.49 -21.44 9.94
N GLY A 377 10.60 -20.08 9.85
CA GLY A 377 11.80 -19.31 10.23
C GLY A 377 12.76 -19.11 9.06
N LEU A 378 12.58 -19.90 8.01
CA LEU A 378 13.46 -19.80 6.86
C LEU A 378 13.36 -18.38 6.29
N GLY A 379 12.12 -17.92 6.15
CA GLY A 379 11.94 -16.55 5.65
C GLY A 379 12.69 -15.50 6.47
N ALA A 380 12.58 -15.63 7.80
CA ALA A 380 13.21 -14.62 8.71
C ALA A 380 14.63 -14.70 8.54
N LYS A 381 15.12 -15.92 8.31
CA LYS A 381 16.58 -16.10 8.12
C LYS A 381 17.04 -15.36 6.89
N ILE A 382 16.32 -15.59 5.79
CA ILE A 382 16.73 -14.96 4.54
C ILE A 382 16.75 -13.49 4.74
N THR A 383 15.79 -13.00 5.48
CA THR A 383 15.75 -11.52 5.65
C THR A 383 16.94 -11.06 6.39
N ARG A 384 17.34 -11.85 7.39
CA ARG A 384 18.53 -11.46 8.21
C ARG A 384 19.81 -11.47 7.41
N GLU A 385 19.95 -12.50 6.59
CA GLU A 385 21.08 -12.59 5.68
C GLU A 385 21.09 -11.38 4.71
N CYS A 386 19.88 -11.00 4.17
CA CYS A 386 19.85 -9.89 3.20
C CYS A 386 20.46 -8.63 3.81
N MET A 387 20.00 -8.34 5.00
CA MET A 387 20.50 -7.13 5.62
C MET A 387 22.06 -7.24 5.77
N ASN A 388 22.56 -8.41 6.08
CA ASN A 388 24.00 -8.55 6.30
C ASN A 388 24.65 -8.30 5.04
N LEU A 389 24.01 -8.76 4.00
CA LEU A 389 24.51 -8.60 2.67
C LEU A 389 24.31 -7.17 2.15
N GLY A 390 23.64 -6.31 2.97
CA GLY A 390 23.37 -4.90 2.58
C GLY A 390 22.08 -4.67 1.67
N LEU A 391 21.05 -5.47 1.90
CA LEU A 391 19.83 -5.36 1.12
C LEU A 391 18.78 -5.36 2.14
N SER A 392 18.07 -4.26 2.21
CA SER A 392 16.93 -4.13 3.16
C SER A 392 15.67 -4.72 2.54
N MET A 393 15.07 -5.65 3.26
CA MET A 393 13.94 -6.38 2.80
C MET A 393 12.86 -6.45 3.90
N ASN A 394 11.72 -7.07 3.56
CA ASN A 394 10.60 -7.19 4.50
C ASN A 394 9.75 -8.38 4.19
N ILE A 395 9.45 -9.07 5.25
CA ILE A 395 8.67 -10.25 5.08
C ILE A 395 7.39 -10.18 5.90
N VAL A 396 6.30 -10.63 5.35
CA VAL A 396 5.07 -10.61 6.10
C VAL A 396 4.58 -12.00 6.22
N GLN A 397 3.95 -12.27 7.34
CA GLN A 397 3.52 -13.60 7.59
C GLN A 397 2.19 -13.65 8.32
N LEU A 398 1.25 -14.37 7.70
CA LEU A 398 -0.11 -14.63 8.26
C LEU A 398 -0.29 -16.14 8.40
N PRO A 399 -1.21 -16.60 9.25
CA PRO A 399 -1.42 -18.04 9.36
C PRO A 399 -1.92 -18.57 8.00
N GLY A 400 -1.49 -19.78 7.67
CA GLY A 400 -1.92 -20.52 6.47
C GLY A 400 -1.12 -20.19 5.29
N MET A 401 -0.09 -19.36 5.49
CA MET A 401 0.76 -18.88 4.38
C MET A 401 2.30 -18.94 4.66
N GLY A 402 3.12 -19.17 3.63
CA GLY A 402 4.56 -19.16 3.79
C GLY A 402 4.76 -17.68 4.13
N GLY A 403 5.95 -17.33 4.60
CA GLY A 403 6.27 -15.93 4.84
C GLY A 403 6.44 -15.33 3.42
N VAL A 404 6.06 -14.06 3.22
CA VAL A 404 6.18 -13.42 1.85
C VAL A 404 7.07 -12.25 1.79
N PHE A 405 8.06 -12.23 0.90
CA PHE A 405 8.86 -10.99 0.84
C PHE A 405 8.10 -10.01 0.03
N ARG A 406 8.10 -8.76 0.48
CA ARG A 406 7.39 -7.70 -0.27
C ARG A 406 8.50 -6.90 -0.90
N ILE A 407 8.68 -7.01 -2.20
CA ILE A 407 9.82 -6.31 -2.83
C ILE A 407 9.30 -5.13 -3.62
N ALA A 408 9.75 -3.93 -3.27
CA ALA A 408 9.21 -2.69 -3.89
C ALA A 408 10.17 -1.60 -3.84
N PRO A 409 11.06 -1.65 -4.80
CA PRO A 409 12.13 -0.64 -4.96
C PRO A 409 11.53 0.67 -5.58
N PRO A 410 12.27 1.74 -5.49
CA PRO A 410 11.82 3.03 -6.02
C PRO A 410 11.57 2.84 -7.46
N LEU A 411 10.64 3.61 -7.95
CA LEU A 411 10.30 3.54 -9.38
C LEU A 411 11.58 4.08 -10.13
N THR A 412 12.41 4.87 -9.41
CA THR A 412 13.65 5.42 -9.93
C THR A 412 14.80 4.42 -9.92
N VAL A 413 14.52 3.18 -9.59
CA VAL A 413 15.60 2.18 -9.49
C VAL A 413 16.33 1.85 -10.82
N SER A 414 17.67 1.72 -10.82
CA SER A 414 18.49 1.37 -12.03
C SER A 414 18.52 -0.09 -12.30
N GLU A 415 18.95 -0.42 -13.51
CA GLU A 415 18.95 -1.82 -14.00
C GLU A 415 20.02 -2.47 -13.12
N ASP A 416 21.02 -1.70 -12.79
CA ASP A 416 22.10 -2.27 -11.99
C ASP A 416 21.62 -2.51 -10.60
N GLU A 417 20.83 -1.57 -10.07
CA GLU A 417 20.38 -1.77 -8.75
C GLU A 417 19.56 -2.98 -8.66
N ILE A 418 18.83 -3.28 -9.69
CA ILE A 418 18.00 -4.47 -9.58
C ILE A 418 18.85 -5.75 -9.52
N ASP A 419 19.83 -5.74 -10.36
CA ASP A 419 20.67 -6.90 -10.52
C ASP A 419 21.38 -7.09 -9.16
N LEU A 420 21.90 -5.98 -8.63
CA LEU A 420 22.55 -6.03 -7.33
C LEU A 420 21.63 -6.69 -6.35
N GLY A 421 20.39 -6.24 -6.39
CA GLY A 421 19.40 -6.73 -5.47
C GLY A 421 19.19 -8.19 -5.66
N LEU A 422 19.05 -8.62 -6.93
CA LEU A 422 18.79 -10.03 -7.18
C LEU A 422 19.98 -10.92 -6.67
N SER A 423 21.16 -10.40 -6.89
CA SER A 423 22.33 -11.09 -6.53
C SER A 423 22.44 -11.21 -5.00
N LEU A 424 22.34 -10.08 -4.28
CA LEU A 424 22.37 -10.14 -2.82
C LEU A 424 21.33 -11.15 -2.31
N LEU A 425 20.17 -11.16 -2.93
CA LEU A 425 19.14 -12.09 -2.49
C LEU A 425 19.46 -13.54 -2.68
N GLY A 426 20.01 -13.93 -3.82
CA GLY A 426 20.32 -15.40 -4.00
C GLY A 426 21.39 -15.89 -2.95
N GLN A 427 22.35 -15.01 -2.69
CA GLN A 427 23.37 -15.17 -1.68
C GLN A 427 22.76 -15.33 -0.34
N ALA A 428 21.85 -14.44 0.02
CA ALA A 428 21.15 -14.59 1.31
C ALA A 428 20.42 -15.88 1.32
N ILE A 429 19.90 -16.30 0.19
CA ILE A 429 19.16 -17.55 0.26
C ILE A 429 20.14 -18.70 0.39
N GLU A 430 21.20 -18.65 -0.38
CA GLU A 430 22.19 -19.69 -0.29
C GLU A 430 22.65 -19.74 1.20
N ARG A 431 22.96 -18.61 1.80
CA ARG A 431 23.36 -18.61 3.21
C ARG A 431 22.39 -19.04 4.21
N ALA A 432 21.13 -18.83 3.93
CA ALA A 432 20.12 -19.15 4.90
C ALA A 432 19.83 -20.61 4.97
N LEU A 433 20.07 -21.34 3.88
CA LEU A 433 19.74 -22.75 3.91
C LEU A 433 20.56 -23.67 4.84
#